data_3KDK
#
_entry.id   3KDK
#
_cell.length_a   33.231
_cell.length_b   74.608
_cell.length_c   182.244
_cell.angle_alpha   90.00
_cell.angle_beta   90.00
_cell.angle_gamma   90.00
#
_symmetry.space_group_name_H-M   'P 21 21 21'
#
loop_
_entity.id
_entity.type
_entity.pdbx_description
1 polymer 'DNA mismatch repair protein mutL'
2 non-polymer 'ZINC ION'
3 water water
#
_entity_poly.entity_id   1
_entity_poly.type   'polypeptide(L)'
_entity_poly.pdbx_seq_one_letter_code
;GAMDRVPIMYPIGQMHGTYILAQNENGLYIIDQHAAQERIKYEYFREKVGEVEPEVQEMIVPLTFHYSTNEALIIEQHKQ
ELESVGVFLESFGSNSYIVRCHPAWFPKGEEAELIEEIIQQVLDSKNIDIKKLREEAAIMMSCKGSIKANRHLRNDEIKA
LLDDLRSTSDPFTCPHGRPIIIHHSTYEMEKMFKRVM
;
_entity_poly.pdbx_strand_id   A,B
#
# COMPACT_ATOMS: atom_id res chain seq x y z
N MET A 3 -15.33 -18.44 10.74
CA MET A 3 -14.61 -17.33 10.11
C MET A 3 -14.84 -17.32 8.60
N ASP A 4 -14.59 -16.17 7.97
CA ASP A 4 -14.66 -16.06 6.51
C ASP A 4 -13.28 -16.16 5.86
N ARG A 5 -13.14 -17.14 4.95
CA ARG A 5 -11.91 -17.40 4.20
C ARG A 5 -11.62 -16.25 3.26
N VAL A 6 -10.45 -15.62 3.43
CA VAL A 6 -9.97 -14.55 2.54
C VAL A 6 -9.97 -15.02 1.09
N PRO A 7 -10.44 -14.16 0.17
CA PRO A 7 -10.46 -14.55 -1.25
C PRO A 7 -9.05 -14.49 -1.80
N ILE A 8 -8.82 -15.13 -2.94
CA ILE A 8 -7.49 -15.16 -3.56
C ILE A 8 -6.92 -13.75 -3.69
N MET A 9 -5.64 -13.63 -3.39
CA MET A 9 -4.93 -12.35 -3.49
C MET A 9 -3.89 -12.39 -4.60
N TYR A 10 -3.75 -11.29 -5.33
CA TYR A 10 -2.78 -11.21 -6.41
C TYR A 10 -1.70 -10.19 -6.09
N PRO A 11 -0.44 -10.54 -6.36
CA PRO A 11 0.69 -9.69 -5.97
C PRO A 11 0.76 -8.40 -6.78
N ILE A 12 1.10 -7.31 -6.12
CA ILE A 12 1.49 -6.09 -6.80
C ILE A 12 3.02 -5.98 -6.75
N GLY A 13 3.59 -6.21 -5.58
CA GLY A 13 5.03 -6.15 -5.41
C GLY A 13 5.39 -6.28 -3.94
N GLN A 14 6.60 -5.85 -3.59
CA GLN A 14 7.05 -5.83 -2.21
C GLN A 14 7.82 -4.56 -1.97
N MET A 15 8.08 -4.25 -0.70
CA MET A 15 8.96 -3.13 -0.37
C MET A 15 9.84 -3.46 0.83
N HIS A 16 11.13 -3.14 0.71
CA HIS A 16 12.07 -3.18 1.82
C HIS A 16 12.34 -4.58 2.38
N GLY A 17 11.97 -5.61 1.62
CA GLY A 17 12.09 -6.99 2.08
C GLY A 17 11.23 -7.22 3.31
N THR A 18 10.21 -6.39 3.49
CA THR A 18 9.41 -6.42 4.72
C THR A 18 7.91 -6.48 4.50
N TYR A 19 7.43 -5.81 3.46
CA TYR A 19 6.00 -5.78 3.21
C TYR A 19 5.67 -6.25 1.82
N ILE A 20 4.57 -6.99 1.72
CA ILE A 20 4.06 -7.45 0.45
C ILE A 20 2.82 -6.62 0.11
N LEU A 21 2.71 -6.21 -1.15
CA LEU A 21 1.54 -5.48 -1.62
C LEU A 21 0.71 -6.39 -2.52
N ALA A 22 -0.57 -6.55 -2.19
CA ALA A 22 -1.47 -7.40 -2.97
C ALA A 22 -2.83 -6.75 -3.21
N GLN A 23 -3.57 -7.29 -4.18
CA GLN A 23 -4.91 -6.78 -4.47
C GLN A 23 -5.82 -7.85 -5.05
N ASN A 24 -7.12 -7.58 -4.98
CA ASN A 24 -8.14 -8.33 -5.68
C ASN A 24 -9.36 -7.41 -5.80
N GLU A 25 -10.48 -7.93 -6.30
CA GLU A 25 -11.67 -7.09 -6.48
C GLU A 25 -12.07 -6.32 -5.22
N ASN A 26 -11.76 -6.88 -4.06
CA ASN A 26 -12.13 -6.26 -2.79
C ASN A 26 -11.29 -5.06 -2.38
N GLY A 27 -10.08 -4.95 -2.92
CA GLY A 27 -9.22 -3.82 -2.61
C GLY A 27 -7.75 -4.18 -2.41
N LEU A 28 -7.10 -3.46 -1.51
CA LEU A 28 -5.66 -3.56 -1.30
C LEU A 28 -5.30 -4.26 0.01
N TYR A 29 -4.26 -5.08 -0.04
CA TYR A 29 -3.78 -5.80 1.13
C TYR A 29 -2.32 -5.50 1.38
N ILE A 30 -2.01 -5.02 2.57
CA ILE A 30 -0.64 -4.77 2.96
C ILE A 30 -0.23 -5.88 3.92
N ILE A 31 0.83 -6.59 3.59
CA ILE A 31 1.18 -7.81 4.31
C ILE A 31 2.58 -7.80 4.91
N ASP A 32 2.64 -7.99 6.23
CA ASP A 32 3.90 -8.19 6.92
C ASP A 32 4.39 -9.58 6.56
N GLN A 33 5.42 -9.66 5.71
CA GLN A 33 5.79 -10.96 5.15
C GLN A 33 6.39 -11.91 6.20
N HIS A 34 7.09 -11.36 7.17
CA HIS A 34 7.63 -12.20 8.23
C HIS A 34 6.52 -12.80 9.10
N ALA A 35 5.58 -11.96 9.53
CA ALA A 35 4.43 -12.42 10.30
C ALA A 35 3.66 -13.48 9.52
N ALA A 36 3.56 -13.29 8.21
CA ALA A 36 2.87 -14.25 7.34
C ALA A 36 3.60 -15.58 7.34
N GLN A 37 4.91 -15.54 7.15
CA GLN A 37 5.73 -16.75 7.14
C GLN A 37 5.64 -17.50 8.48
N GLU A 38 5.53 -16.76 9.58
CA GLU A 38 5.32 -17.37 10.90
C GLU A 38 4.03 -18.18 10.97
N ARG A 39 2.93 -17.54 10.56
CA ARG A 39 1.63 -18.19 10.58
C ARG A 39 1.67 -19.47 9.77
N ILE A 40 2.16 -19.37 8.55
CA ILE A 40 2.27 -20.51 7.67
C ILE A 40 3.06 -21.64 8.34
N LYS A 41 4.32 -21.36 8.67
CA LYS A 41 5.18 -22.36 9.27
C LYS A 41 4.59 -22.93 10.55
N TYR A 42 3.96 -22.07 11.36
CA TYR A 42 3.38 -22.51 12.61
C TYR A 42 2.39 -23.65 12.42
N GLU A 43 1.43 -23.47 11.51
CA GLU A 43 0.39 -24.47 11.33
C GLU A 43 0.98 -25.73 10.70
N TYR A 44 1.98 -25.54 9.84
CA TYR A 44 2.69 -26.67 9.25
C TYR A 44 3.32 -27.56 10.31
N PHE A 45 4.09 -26.94 11.21
CA PHE A 45 4.74 -27.69 12.28
C PHE A 45 3.77 -28.11 13.39
N ARG A 46 2.68 -27.36 13.56
CA ARG A 46 1.66 -27.72 14.54
C ARG A 46 0.91 -28.97 14.09
N GLU A 47 0.88 -29.20 12.78
CA GLU A 47 0.29 -30.43 12.25
C GLU A 47 1.22 -31.61 12.46
N LYS A 48 2.48 -31.44 12.07
CA LYS A 48 3.49 -32.50 12.15
C LYS A 48 3.71 -33.04 13.57
N VAL A 49 3.83 -32.13 14.53
CA VAL A 49 4.08 -32.50 15.91
C VAL A 49 2.86 -33.20 16.52
N GLY A 50 1.71 -33.04 15.88
CA GLY A 50 0.51 -33.73 16.30
C GLY A 50 0.39 -35.11 15.70
N GLU A 51 1.31 -35.44 14.79
CA GLU A 51 1.29 -36.73 14.10
C GLU A 51 1.75 -37.86 15.04
N VAL A 52 1.39 -39.09 14.69
CA VAL A 52 1.66 -40.24 15.56
C VAL A 52 3.00 -40.94 15.28
N GLU A 53 3.34 -41.13 14.01
CA GLU A 53 4.59 -41.78 13.64
C GLU A 53 5.35 -41.01 12.57
N PRO A 54 6.37 -40.25 12.99
CA PRO A 54 7.15 -39.40 12.09
C PRO A 54 8.35 -40.16 11.55
N GLU A 55 8.79 -39.85 10.34
CA GLU A 55 10.01 -40.43 9.82
C GLU A 55 11.18 -39.91 10.65
N VAL A 56 11.94 -40.84 11.23
CA VAL A 56 13.03 -40.46 12.13
C VAL A 56 14.37 -40.43 11.38
N GLN A 57 15.26 -39.56 11.83
CA GLN A 57 16.56 -39.41 11.20
C GLN A 57 17.68 -39.49 12.23
N GLU A 58 18.50 -40.53 12.13
CA GLU A 58 19.66 -40.68 13.03
C GLU A 58 20.69 -39.59 12.75
N MET A 59 21.41 -39.20 13.79
CA MET A 59 22.45 -38.18 13.65
C MET A 59 23.84 -38.80 13.59
N ILE A 60 24.70 -38.23 12.75
CA ILE A 60 26.08 -38.68 12.62
C ILE A 60 26.76 -38.70 13.98
N VAL A 61 26.66 -37.60 14.70
CA VAL A 61 27.17 -37.50 16.06
C VAL A 61 26.02 -37.18 17.02
N PRO A 62 25.57 -38.19 17.77
CA PRO A 62 24.48 -38.00 18.75
C PRO A 62 24.77 -36.86 19.71
N LEU A 63 23.77 -36.45 20.48
CA LEU A 63 23.90 -35.32 21.39
C LEU A 63 23.92 -35.75 22.86
N THR A 64 24.69 -35.03 23.66
CA THR A 64 24.81 -35.36 25.08
C THR A 64 24.26 -34.24 25.95
N PHE A 65 23.49 -34.61 26.97
CA PHE A 65 22.87 -33.63 27.85
C PHE A 65 22.93 -34.09 29.31
N HIS A 66 23.59 -33.30 30.15
CA HIS A 66 23.74 -33.62 31.57
C HIS A 66 22.86 -32.70 32.41
N TYR A 67 22.30 -33.24 33.50
CA TYR A 67 21.37 -32.47 34.33
C TYR A 67 21.46 -32.79 35.82
N SER A 68 20.69 -32.06 36.61
CA SER A 68 20.63 -32.25 38.06
C SER A 68 19.53 -33.25 38.44
N THR A 69 19.39 -33.52 39.74
CA THR A 69 18.41 -34.49 40.22
C THR A 69 16.98 -34.01 40.03
N ASN A 70 16.80 -32.71 39.83
CA ASN A 70 15.47 -32.14 39.61
C ASN A 70 15.06 -32.22 38.15
N GLU A 71 15.90 -31.64 37.30
CA GLU A 71 15.66 -31.60 35.87
C GLU A 71 15.54 -33.02 35.29
N ALA A 72 16.44 -33.91 35.66
CA ALA A 72 16.40 -35.29 35.21
C ALA A 72 15.13 -35.97 35.70
N LEU A 73 14.59 -35.45 36.80
CA LEU A 73 13.35 -35.96 37.37
C LEU A 73 12.16 -35.55 36.51
N ILE A 74 12.08 -34.25 36.23
CA ILE A 74 11.01 -33.70 35.40
C ILE A 74 11.07 -34.28 33.98
N ILE A 75 12.26 -34.25 33.40
CA ILE A 75 12.49 -34.73 32.04
C ILE A 75 12.02 -36.18 31.86
N GLU A 76 12.22 -37.00 32.88
CA GLU A 76 11.86 -38.41 32.81
C GLU A 76 10.36 -38.64 33.02
N GLN A 77 9.66 -37.62 33.53
CA GLN A 77 8.21 -37.72 33.69
C GLN A 77 7.51 -37.45 32.37
N HIS A 78 8.00 -36.44 31.65
CA HIS A 78 7.42 -36.03 30.39
C HIS A 78 8.06 -36.75 29.21
N LYS A 79 8.38 -38.03 29.40
CA LYS A 79 9.08 -38.78 28.36
C LYS A 79 8.17 -39.26 27.23
N GLN A 80 6.90 -38.86 27.27
CA GLN A 80 5.98 -39.21 26.20
C GLN A 80 5.49 -37.93 25.56
N GLU A 81 5.72 -36.83 26.28
CA GLU A 81 5.30 -35.50 25.85
C GLU A 81 6.44 -34.87 25.07
N LEU A 82 7.67 -35.14 25.50
CA LEU A 82 8.83 -34.77 24.71
C LEU A 82 8.96 -35.77 23.56
N GLU A 83 8.34 -36.94 23.74
CA GLU A 83 8.29 -37.96 22.71
C GLU A 83 7.59 -37.45 21.46
N SER A 84 6.32 -37.10 21.61
CA SER A 84 5.51 -36.62 20.50
C SER A 84 6.02 -35.30 19.94
N VAL A 85 6.62 -34.48 20.81
CA VAL A 85 7.16 -33.19 20.40
C VAL A 85 8.43 -33.36 19.55
N GLY A 86 8.98 -34.57 19.53
CA GLY A 86 10.10 -34.89 18.67
C GLY A 86 11.44 -35.10 19.36
N VAL A 87 11.47 -34.87 20.67
CA VAL A 87 12.70 -35.01 21.44
C VAL A 87 12.83 -36.41 22.04
N PHE A 88 13.81 -37.18 21.55
CA PHE A 88 14.03 -38.56 22.00
C PHE A 88 15.24 -38.67 22.91
N LEU A 89 15.01 -38.71 24.22
CA LEU A 89 16.11 -38.75 25.19
C LEU A 89 16.36 -40.15 25.71
N GLU A 90 17.53 -40.71 25.37
CA GLU A 90 17.93 -42.02 25.84
C GLU A 90 18.86 -41.86 27.03
N SER A 91 18.50 -42.44 28.17
CA SER A 91 19.33 -42.32 29.36
C SER A 91 20.32 -43.50 29.49
N PHE A 92 21.59 -43.18 29.67
CA PHE A 92 22.62 -44.21 29.78
C PHE A 92 23.24 -44.27 31.17
N GLY A 93 23.68 -43.13 31.67
CA GLY A 93 24.23 -43.05 33.01
C GLY A 93 23.22 -42.41 33.96
N SER A 94 23.71 -41.88 35.07
CA SER A 94 22.85 -41.18 36.02
C SER A 94 22.48 -39.80 35.47
N ASN A 95 21.18 -39.58 35.26
CA ASN A 95 20.70 -38.28 34.80
C ASN A 95 21.35 -37.82 33.50
N SER A 96 21.85 -38.76 32.71
CA SER A 96 22.54 -38.43 31.46
C SER A 96 21.81 -38.98 30.23
N TYR A 97 21.70 -38.17 29.18
CA TYR A 97 20.98 -38.59 27.98
C TYR A 97 21.74 -38.36 26.67
N ILE A 98 21.47 -39.23 25.70
CA ILE A 98 21.97 -39.07 24.35
C ILE A 98 20.78 -38.94 23.40
N VAL A 99 20.95 -38.13 22.35
CA VAL A 99 19.93 -38.02 21.33
C VAL A 99 20.48 -38.50 19.99
N ARG A 100 20.15 -39.75 19.65
CA ARG A 100 20.53 -40.33 18.37
C ARG A 100 19.75 -39.67 17.25
N CYS A 101 18.44 -39.61 17.42
CA CYS A 101 17.54 -39.36 16.30
C CYS A 101 16.60 -38.17 16.50
N HIS A 102 15.86 -37.85 15.43
CA HIS A 102 14.85 -36.79 15.44
C HIS A 102 14.10 -36.77 14.12
N PRO A 103 12.85 -36.27 14.13
CA PRO A 103 12.03 -36.24 12.91
C PRO A 103 12.77 -35.62 11.74
N ALA A 104 12.61 -36.20 10.56
CA ALA A 104 13.27 -35.70 9.36
C ALA A 104 12.79 -34.29 9.00
N TRP A 105 11.60 -33.93 9.46
CA TRP A 105 11.05 -32.62 9.19
C TRP A 105 11.45 -31.59 10.24
N PHE A 106 12.56 -31.84 10.92
CA PHE A 106 13.09 -30.87 11.86
C PHE A 106 13.90 -29.80 11.13
N PRO A 107 13.66 -28.52 11.49
CA PRO A 107 14.38 -27.39 10.90
C PRO A 107 15.88 -27.65 10.86
N LYS A 108 16.40 -27.98 9.68
CA LYS A 108 17.82 -28.34 9.52
C LYS A 108 18.78 -27.32 10.13
N GLY A 109 20.01 -27.77 10.39
CA GLY A 109 21.05 -26.92 10.93
C GLY A 109 20.88 -26.63 12.41
N GLU A 110 19.65 -26.29 12.79
CA GLU A 110 19.34 -25.96 14.17
C GLU A 110 18.54 -27.05 14.86
N GLU A 111 18.78 -28.31 14.47
CA GLU A 111 18.13 -29.43 15.12
C GLU A 111 18.49 -29.47 16.61
N ALA A 112 19.77 -29.25 16.91
CA ALA A 112 20.24 -29.25 18.28
C ALA A 112 19.74 -28.02 19.04
N GLU A 113 19.94 -26.85 18.44
CA GLU A 113 19.48 -25.59 19.01
C GLU A 113 18.02 -25.69 19.47
N LEU A 114 17.20 -26.34 18.64
CA LEU A 114 15.77 -26.51 18.92
C LEU A 114 15.52 -27.50 20.04
N ILE A 115 16.10 -28.70 19.92
CA ILE A 115 15.91 -29.76 20.90
C ILE A 115 16.20 -29.26 22.31
N GLU A 116 17.19 -28.39 22.43
CA GLU A 116 17.52 -27.83 23.73
C GLU A 116 16.44 -26.86 24.18
N GLU A 117 15.88 -26.12 23.23
CA GLU A 117 14.86 -25.12 23.54
C GLU A 117 13.57 -25.79 24.02
N ILE A 118 13.20 -26.89 23.37
CA ILE A 118 12.04 -27.67 23.79
C ILE A 118 12.28 -28.21 25.19
N ILE A 119 13.47 -28.76 25.40
CA ILE A 119 13.89 -29.22 26.72
C ILE A 119 13.85 -28.07 27.73
N GLN A 120 14.48 -26.96 27.38
CA GLN A 120 14.51 -25.78 28.24
C GLN A 120 13.12 -25.40 28.70
N GLN A 121 12.19 -25.31 27.75
CA GLN A 121 10.81 -24.94 28.03
C GLN A 121 10.25 -25.83 29.14
N VAL A 122 10.51 -27.12 29.03
CA VAL A 122 10.05 -28.07 30.04
C VAL A 122 10.64 -27.75 31.40
N LEU A 123 11.97 -27.59 31.43
CA LEU A 123 12.70 -27.30 32.66
C LEU A 123 12.20 -26.03 33.35
N ASP A 124 11.60 -25.13 32.59
CA ASP A 124 11.20 -23.83 33.08
C ASP A 124 9.80 -23.85 33.68
N SER A 125 8.82 -24.26 32.87
CA SER A 125 7.45 -24.37 33.34
C SER A 125 7.34 -25.38 34.47
N LYS A 126 8.39 -26.18 34.65
CA LYS A 126 8.45 -27.23 35.68
C LYS A 126 7.43 -28.34 35.50
N ASN A 127 6.15 -28.00 35.64
CA ASN A 127 5.07 -28.96 35.46
C ASN A 127 4.11 -28.51 34.36
N ILE A 128 4.26 -29.09 33.17
CA ILE A 128 3.54 -28.63 31.99
C ILE A 128 2.98 -29.79 31.15
N ASP A 129 1.73 -29.69 30.72
CA ASP A 129 1.05 -30.77 30.00
C ASP A 129 1.35 -30.80 28.51
N ILE A 130 0.86 -31.84 27.83
CA ILE A 130 1.06 -32.04 26.40
C ILE A 130 0.63 -30.83 25.55
N LYS A 131 -0.62 -30.43 25.71
CA LYS A 131 -1.20 -29.35 24.88
C LYS A 131 -0.31 -28.12 24.82
N LYS A 132 0.09 -27.61 25.98
CA LYS A 132 0.92 -26.42 26.07
C LYS A 132 2.29 -26.61 25.41
N LEU A 133 2.94 -27.74 25.72
CA LEU A 133 4.24 -28.04 25.13
C LEU A 133 4.13 -28.16 23.62
N ARG A 134 3.14 -28.93 23.17
CA ARG A 134 2.87 -29.13 21.76
C ARG A 134 2.85 -27.80 21.00
N GLU A 135 2.12 -26.84 21.54
CA GLU A 135 2.03 -25.52 20.95
C GLU A 135 3.38 -24.84 20.95
N GLU A 136 3.97 -24.72 22.14
CA GLU A 136 5.26 -24.05 22.31
C GLU A 136 6.28 -24.55 21.31
N ALA A 137 6.25 -25.85 21.04
CA ALA A 137 7.19 -26.48 20.12
C ALA A 137 6.96 -26.01 18.69
N ALA A 138 5.70 -26.00 18.27
CA ALA A 138 5.33 -25.54 16.93
C ALA A 138 5.85 -24.13 16.68
N ILE A 139 5.66 -23.25 17.67
CA ILE A 139 6.07 -21.86 17.58
C ILE A 139 7.57 -21.74 17.37
N MET A 140 8.33 -22.50 18.14
CA MET A 140 9.78 -22.43 18.07
C MET A 140 10.32 -22.87 16.71
N MET A 141 9.60 -23.77 16.05
CA MET A 141 10.05 -24.30 14.77
C MET A 141 9.74 -23.34 13.63
N SER A 142 8.75 -22.47 13.84
CA SER A 142 8.28 -21.57 12.79
C SER A 142 9.16 -20.33 12.63
N CYS A 143 9.85 -19.95 13.72
CA CYS A 143 10.81 -18.86 13.67
C CYS A 143 12.20 -19.43 13.50
N LYS A 144 12.27 -20.74 13.29
CA LYS A 144 13.53 -21.46 13.14
C LYS A 144 13.85 -21.67 11.66
N ARG A 151 15.65 -10.00 2.87
CA ARG A 151 15.76 -10.42 1.47
C ARG A 151 14.47 -10.12 0.71
N HIS A 152 14.60 -9.58 -0.50
CA HIS A 152 13.45 -9.15 -1.28
C HIS A 152 12.89 -10.30 -2.13
N LEU A 153 11.63 -10.65 -1.86
CA LEU A 153 10.93 -11.70 -2.59
C LEU A 153 10.46 -11.25 -3.98
N ARG A 154 10.56 -12.15 -4.95
CA ARG A 154 10.02 -11.94 -6.29
C ARG A 154 8.53 -12.30 -6.32
N ASN A 155 7.81 -11.82 -7.33
CA ASN A 155 6.37 -12.03 -7.39
C ASN A 155 5.95 -13.50 -7.39
N ASP A 156 6.81 -14.38 -7.92
CA ASP A 156 6.54 -15.81 -7.84
C ASP A 156 6.52 -16.29 -6.37
N GLU A 157 7.51 -15.86 -5.61
CA GLU A 157 7.58 -16.18 -4.18
C GLU A 157 6.42 -15.53 -3.43
N ILE A 158 6.17 -14.27 -3.74
CA ILE A 158 5.05 -13.54 -3.16
C ILE A 158 3.75 -14.30 -3.39
N LYS A 159 3.57 -14.80 -4.61
CA LYS A 159 2.37 -15.55 -4.97
C LYS A 159 2.23 -16.80 -4.10
N ALA A 160 3.26 -17.63 -4.08
CA ALA A 160 3.25 -18.84 -3.27
C ALA A 160 2.91 -18.53 -1.80
N LEU A 161 3.46 -17.43 -1.31
CA LEU A 161 3.18 -17.01 0.06
C LEU A 161 1.70 -16.67 0.27
N LEU A 162 1.12 -15.94 -0.68
CA LEU A 162 -0.28 -15.53 -0.59
C LEU A 162 -1.21 -16.73 -0.55
N ASP A 163 -0.98 -17.70 -1.43
CA ASP A 163 -1.75 -18.94 -1.45
C ASP A 163 -1.67 -19.70 -0.12
N ASP A 164 -0.46 -19.78 0.44
CA ASP A 164 -0.27 -20.49 1.69
C ASP A 164 -0.94 -19.76 2.87
N LEU A 165 -0.81 -18.43 2.89
CA LEU A 165 -1.46 -17.65 3.93
C LEU A 165 -2.97 -17.84 3.90
N ARG A 166 -3.53 -17.94 2.70
CA ARG A 166 -4.96 -18.16 2.50
C ARG A 166 -5.45 -19.47 3.13
N SER A 167 -4.61 -20.49 3.05
CA SER A 167 -5.00 -21.84 3.48
C SER A 167 -4.95 -22.05 4.99
N THR A 168 -4.46 -21.04 5.73
CA THR A 168 -4.30 -21.18 7.18
C THR A 168 -5.61 -20.91 7.92
N SER A 169 -5.60 -21.16 9.22
CA SER A 169 -6.77 -20.95 10.06
C SER A 169 -7.02 -19.47 10.32
N ASP A 170 -5.95 -18.68 10.43
CA ASP A 170 -6.09 -17.25 10.74
C ASP A 170 -5.11 -16.35 9.97
N PRO A 171 -5.44 -16.01 8.72
CA PRO A 171 -4.54 -15.27 7.83
C PRO A 171 -4.25 -13.86 8.34
N PHE A 172 -5.03 -13.39 9.32
CA PHE A 172 -4.94 -12.00 9.75
C PHE A 172 -4.03 -11.77 10.94
N THR A 173 -3.72 -12.82 11.68
CA THR A 173 -2.99 -12.70 12.93
C THR A 173 -1.94 -13.79 13.04
N CYS A 174 -0.73 -13.42 13.49
CA CYS A 174 0.33 -14.42 13.68
C CYS A 174 0.17 -15.10 15.04
N PRO A 175 0.88 -16.23 15.24
CA PRO A 175 0.72 -17.03 16.46
C PRO A 175 1.07 -16.24 17.73
N HIS A 176 1.69 -15.07 17.55
CA HIS A 176 2.04 -14.23 18.68
C HIS A 176 1.00 -13.14 18.94
N GLY A 177 -0.01 -13.05 18.09
CA GLY A 177 -1.10 -12.11 18.29
C GLY A 177 -1.01 -10.82 17.48
N ARG A 178 0.09 -10.65 16.75
CA ARG A 178 0.30 -9.46 15.94
C ARG A 178 -0.35 -9.56 14.55
N PRO A 179 -0.82 -8.42 14.02
CA PRO A 179 -1.53 -8.38 12.74
C PRO A 179 -0.62 -8.81 11.60
N ILE A 180 -1.14 -9.63 10.69
CA ILE A 180 -0.42 -10.03 9.49
C ILE A 180 -0.86 -9.17 8.29
N ILE A 181 -2.15 -8.81 8.26
CA ILE A 181 -2.74 -8.16 7.10
C ILE A 181 -3.47 -6.87 7.42
N ILE A 182 -3.16 -5.83 6.65
CA ILE A 182 -3.93 -4.60 6.68
C ILE A 182 -4.64 -4.49 5.33
N HIS A 183 -5.98 -4.43 5.39
CA HIS A 183 -6.79 -4.42 4.20
C HIS A 183 -7.49 -3.08 4.01
N HIS A 184 -7.31 -2.47 2.84
CA HIS A 184 -8.10 -1.30 2.44
C HIS A 184 -9.05 -1.71 1.32
N SER A 185 -10.35 -1.76 1.63
CA SER A 185 -11.34 -2.12 0.61
C SER A 185 -11.44 -1.01 -0.44
N THR A 186 -11.94 -1.34 -1.62
CA THR A 186 -12.03 -0.35 -2.69
C THR A 186 -12.87 0.83 -2.26
N TYR A 187 -13.90 0.54 -1.46
CA TYR A 187 -14.80 1.58 -0.97
C TYR A 187 -14.08 2.48 0.04
N GLU A 188 -13.31 1.86 0.93
CA GLU A 188 -12.55 2.61 1.93
C GLU A 188 -11.46 3.47 1.30
N MET A 189 -10.87 2.97 0.22
CA MET A 189 -9.86 3.74 -0.47
C MET A 189 -10.50 4.93 -1.18
N GLU A 190 -11.66 4.70 -1.77
CA GLU A 190 -12.39 5.77 -2.43
C GLU A 190 -12.80 6.83 -1.41
N LYS A 191 -13.09 6.38 -0.20
CA LYS A 191 -13.40 7.29 0.90
C LYS A 191 -12.18 8.11 1.29
N MET A 192 -11.05 7.43 1.44
CA MET A 192 -9.80 8.11 1.82
C MET A 192 -9.43 9.21 0.81
N PHE A 193 -9.69 8.95 -0.47
CA PHE A 193 -9.43 9.94 -1.50
C PHE A 193 -10.65 10.81 -1.78
N LYS A 194 -11.71 10.59 -1.00
CA LYS A 194 -12.92 11.40 -1.07
C LYS A 194 -13.52 11.44 -2.47
N ARG B 5 6.42 18.77 -0.50
CA ARG B 5 7.49 18.05 -1.17
C ARG B 5 7.63 16.62 -0.65
N VAL B 6 8.34 15.79 -1.42
CA VAL B 6 8.56 14.39 -1.08
C VAL B 6 9.78 13.90 -1.87
N PRO B 7 10.60 13.02 -1.26
CA PRO B 7 11.75 12.44 -1.96
C PRO B 7 11.33 11.56 -3.15
N ILE B 8 12.30 11.17 -3.97
CA ILE B 8 12.05 10.25 -5.07
C ILE B 8 11.19 9.06 -4.60
N MET B 9 10.10 8.80 -5.32
CA MET B 9 9.26 7.66 -5.04
C MET B 9 9.52 6.56 -6.05
N TYR B 10 9.76 5.34 -5.57
CA TYR B 10 10.02 4.22 -6.46
C TYR B 10 8.78 3.36 -6.61
N PRO B 11 8.31 3.21 -7.85
CA PRO B 11 7.11 2.44 -8.19
C PRO B 11 7.17 1.01 -7.65
N ILE B 12 6.04 0.55 -7.12
CA ILE B 12 5.87 -0.86 -6.77
C ILE B 12 4.97 -1.45 -7.83
N GLY B 13 3.92 -0.72 -8.17
CA GLY B 13 2.95 -1.16 -9.14
C GLY B 13 1.73 -0.27 -9.15
N GLN B 14 0.64 -0.78 -9.72
CA GLN B 14 -0.60 -0.03 -9.81
C GLN B 14 -1.75 -1.01 -9.56
N MET B 15 -2.94 -0.50 -9.29
CA MET B 15 -4.09 -1.38 -9.11
C MET B 15 -5.40 -0.80 -9.62
N HIS B 16 -6.19 -1.67 -10.25
CA HIS B 16 -7.53 -1.31 -10.73
C HIS B 16 -7.50 -0.15 -11.71
N GLY B 17 -6.31 0.10 -12.26
CA GLY B 17 -6.11 1.24 -13.13
C GLY B 17 -6.43 2.58 -12.47
N THR B 18 -6.37 2.61 -11.14
CA THR B 18 -6.81 3.79 -10.41
C THR B 18 -5.73 4.37 -9.49
N TYR B 19 -5.00 3.46 -8.85
CA TYR B 19 -4.02 3.85 -7.85
C TYR B 19 -2.66 3.33 -8.22
N ILE B 20 -1.64 4.11 -7.87
CA ILE B 20 -0.26 3.69 -7.96
C ILE B 20 0.28 3.42 -6.57
N LEU B 21 1.06 2.35 -6.45
CA LEU B 21 1.74 2.03 -5.22
C LEU B 21 3.23 2.30 -5.38
N ALA B 22 3.80 3.03 -4.43
CA ALA B 22 5.22 3.35 -4.46
C ALA B 22 5.84 3.39 -3.07
N GLN B 23 7.16 3.49 -3.05
CA GLN B 23 7.91 3.41 -1.79
C GLN B 23 9.21 4.15 -1.90
N ASN B 24 9.70 4.57 -0.73
CA ASN B 24 11.06 4.99 -0.54
C ASN B 24 11.38 4.78 0.93
N GLU B 25 12.46 5.38 1.39
CA GLU B 25 12.92 5.25 2.77
C GLU B 25 11.89 5.67 3.84
N ASN B 26 10.95 6.55 3.49
CA ASN B 26 9.95 7.03 4.45
C ASN B 26 8.72 6.14 4.58
N GLY B 27 8.66 5.07 3.78
CA GLY B 27 7.52 4.18 3.84
C GLY B 27 6.76 4.03 2.52
N LEU B 28 5.45 3.87 2.64
CA LEU B 28 4.60 3.49 1.51
C LEU B 28 3.71 4.63 1.02
N TYR B 29 3.59 4.74 -0.30
CA TYR B 29 2.75 5.77 -0.91
C TYR B 29 1.70 5.17 -1.81
N ILE B 30 0.43 5.47 -1.52
CA ILE B 30 -0.69 5.10 -2.37
C ILE B 30 -1.21 6.34 -3.11
N ILE B 31 -1.20 6.28 -4.42
CA ILE B 31 -1.38 7.47 -5.23
C ILE B 31 -2.58 7.35 -6.17
N ASP B 32 -3.50 8.30 -6.06
CA ASP B 32 -4.64 8.35 -6.98
C ASP B 32 -4.19 8.98 -8.29
N GLN B 33 -4.12 8.17 -9.35
CA GLN B 33 -3.60 8.62 -10.65
C GLN B 33 -4.30 9.88 -11.13
N HIS B 34 -5.63 9.87 -11.08
CA HIS B 34 -6.39 10.96 -11.63
C HIS B 34 -6.06 12.26 -10.91
N ALA B 35 -6.16 12.22 -9.58
CA ALA B 35 -5.83 13.38 -8.78
C ALA B 35 -4.43 13.91 -9.07
N ALA B 36 -3.45 13.00 -9.14
CA ALA B 36 -2.08 13.39 -9.47
C ALA B 36 -2.02 14.18 -10.77
N GLN B 37 -2.78 13.75 -11.76
CA GLN B 37 -2.78 14.38 -13.08
C GLN B 37 -3.48 15.75 -13.11
N GLU B 38 -4.44 15.95 -12.24
CA GLU B 38 -5.05 17.27 -12.06
C GLU B 38 -4.00 18.24 -11.54
N ARG B 39 -3.25 17.80 -10.53
CA ARG B 39 -2.24 18.62 -9.90
C ARG B 39 -1.13 19.00 -10.87
N ILE B 40 -0.70 18.05 -11.68
CA ILE B 40 0.36 18.26 -12.66
C ILE B 40 -0.10 19.19 -13.79
N LYS B 41 -1.36 19.04 -14.20
CA LYS B 41 -1.93 19.89 -15.23
C LYS B 41 -2.11 21.30 -14.70
N TYR B 42 -2.51 21.38 -13.42
CA TYR B 42 -2.67 22.66 -12.75
C TYR B 42 -1.38 23.46 -12.73
N GLU B 43 -0.27 22.85 -12.29
CA GLU B 43 1.01 23.56 -12.23
C GLU B 43 1.33 24.16 -13.59
N TYR B 44 0.95 23.46 -14.65
CA TYR B 44 1.19 23.93 -16.00
C TYR B 44 0.28 25.13 -16.34
N PHE B 45 -1.02 24.97 -16.13
CA PHE B 45 -1.99 26.00 -16.53
C PHE B 45 -1.88 27.26 -15.68
N ARG B 46 -1.64 27.09 -14.39
CA ARG B 46 -1.41 28.23 -13.52
C ARG B 46 -0.29 29.13 -14.05
N GLU B 47 0.81 28.54 -14.52
CA GLU B 47 1.87 29.33 -15.14
C GLU B 47 1.36 29.99 -16.42
N LYS B 48 0.78 29.19 -17.31
CA LYS B 48 0.34 29.70 -18.61
C LYS B 48 -0.59 30.91 -18.50
N VAL B 49 -1.56 30.86 -17.59
CA VAL B 49 -2.49 31.98 -17.42
C VAL B 49 -1.82 33.23 -16.85
N GLY B 50 -0.60 33.08 -16.31
CA GLY B 50 0.11 34.21 -15.73
C GLY B 50 0.85 35.03 -16.77
N GLU B 51 0.89 34.53 -18.00
CA GLU B 51 1.58 35.21 -19.09
C GLU B 51 0.78 36.39 -19.61
N VAL B 52 1.48 37.50 -19.85
CA VAL B 52 0.85 38.73 -20.30
C VAL B 52 0.42 38.67 -21.78
N GLU B 53 1.27 38.09 -22.63
CA GLU B 53 0.88 37.86 -24.01
C GLU B 53 1.19 36.43 -24.46
N PRO B 54 0.16 35.58 -24.36
CA PRO B 54 0.26 34.17 -24.74
C PRO B 54 0.10 34.04 -26.25
N GLU B 55 0.69 33.00 -26.84
CA GLU B 55 0.38 32.66 -28.21
C GLU B 55 -1.12 32.50 -28.32
N VAL B 56 -1.72 33.15 -29.32
CA VAL B 56 -3.16 33.08 -29.53
C VAL B 56 -3.48 32.26 -30.77
N GLN B 57 -4.67 31.67 -30.76
CA GLN B 57 -5.12 30.82 -31.85
C GLN B 57 -6.52 31.26 -32.25
N GLU B 58 -6.73 31.45 -33.56
CA GLU B 58 -8.07 31.75 -34.06
C GLU B 58 -8.89 30.48 -34.05
N MET B 59 -10.08 30.54 -33.46
CA MET B 59 -10.98 29.39 -33.42
C MET B 59 -11.34 28.96 -34.84
N ILE B 60 -11.98 27.80 -34.96
CA ILE B 60 -12.57 27.39 -36.23
C ILE B 60 -14.07 27.61 -36.16
N VAL B 61 -14.65 27.21 -35.04
CA VAL B 61 -16.05 27.50 -34.77
C VAL B 61 -16.13 28.58 -33.69
N PRO B 62 -16.21 29.86 -34.12
CA PRO B 62 -16.34 30.98 -33.19
C PRO B 62 -17.58 30.81 -32.33
N LEU B 63 -17.61 31.45 -31.17
CA LEU B 63 -18.72 31.29 -30.24
C LEU B 63 -19.50 32.59 -30.09
N THR B 64 -20.76 32.48 -29.66
CA THR B 64 -21.57 33.63 -29.36
C THR B 64 -22.27 33.43 -28.03
N PHE B 65 -22.42 34.51 -27.27
CA PHE B 65 -23.12 34.47 -25.99
C PHE B 65 -24.05 35.67 -25.90
N HIS B 66 -25.06 35.57 -25.05
CA HIS B 66 -26.02 36.65 -24.86
C HIS B 66 -26.43 36.73 -23.40
N TYR B 67 -26.54 37.95 -22.89
CA TYR B 67 -26.75 38.15 -21.45
C TYR B 67 -27.81 39.20 -21.16
N SER B 68 -28.37 39.15 -19.95
CA SER B 68 -29.26 40.19 -19.48
C SER B 68 -28.49 41.49 -19.36
N THR B 69 -29.20 42.62 -19.33
CA THR B 69 -28.56 43.92 -19.18
C THR B 69 -27.60 43.93 -17.99
N ASN B 70 -27.97 43.21 -16.94
CA ASN B 70 -27.14 43.15 -15.74
C ASN B 70 -25.87 42.31 -15.92
N GLU B 71 -26.02 41.10 -16.46
CA GLU B 71 -24.86 40.24 -16.71
C GLU B 71 -23.83 40.94 -17.57
N ALA B 72 -24.29 41.70 -18.56
CA ALA B 72 -23.40 42.45 -19.44
C ALA B 72 -22.65 43.54 -18.67
N LEU B 73 -23.32 44.15 -17.69
CA LEU B 73 -22.67 45.13 -16.83
C LEU B 73 -21.47 44.50 -16.16
N ILE B 74 -21.70 43.35 -15.53
CA ILE B 74 -20.64 42.62 -14.83
C ILE B 74 -19.50 42.24 -15.77
N ILE B 75 -19.84 41.90 -17.00
CA ILE B 75 -18.86 41.48 -17.99
C ILE B 75 -17.98 42.64 -18.44
N GLU B 76 -18.59 43.81 -18.64
CA GLU B 76 -17.84 45.00 -19.02
C GLU B 76 -16.92 45.46 -17.89
N GLN B 77 -17.38 45.26 -16.66
CA GLN B 77 -16.60 45.56 -15.47
C GLN B 77 -15.31 44.73 -15.45
N HIS B 78 -15.42 43.49 -15.90
CA HIS B 78 -14.31 42.53 -15.78
C HIS B 78 -13.60 42.23 -17.10
N LYS B 79 -13.55 43.21 -17.99
CA LYS B 79 -12.83 43.08 -19.25
C LYS B 79 -11.38 42.63 -19.07
N GLN B 80 -10.62 43.36 -18.27
CA GLN B 80 -9.20 43.05 -18.06
C GLN B 80 -8.99 41.69 -17.39
N GLU B 81 -9.81 41.40 -16.38
CA GLU B 81 -9.73 40.12 -15.70
C GLU B 81 -10.00 38.95 -16.66
N LEU B 82 -11.03 39.08 -17.49
CA LEU B 82 -11.40 38.01 -18.42
C LEU B 82 -10.30 37.79 -19.47
N GLU B 83 -9.81 38.87 -20.05
CA GLU B 83 -8.72 38.78 -21.03
C GLU B 83 -7.45 38.18 -20.42
N SER B 84 -7.21 38.47 -19.15
CA SER B 84 -5.98 37.99 -18.50
C SER B 84 -6.00 36.47 -18.30
N VAL B 85 -7.18 35.85 -18.37
CA VAL B 85 -7.26 34.39 -18.30
C VAL B 85 -7.52 33.74 -19.65
N GLY B 86 -7.49 34.54 -20.72
CA GLY B 86 -7.60 34.00 -22.05
C GLY B 86 -8.99 34.11 -22.70
N VAL B 87 -9.93 34.73 -22.00
CA VAL B 87 -11.27 34.93 -22.54
C VAL B 87 -11.38 36.28 -23.26
N PHE B 88 -11.36 36.23 -24.58
CA PHE B 88 -11.37 37.44 -25.41
C PHE B 88 -12.75 37.71 -25.99
N LEU B 89 -13.52 38.51 -25.27
CA LEU B 89 -14.88 38.82 -25.68
C LEU B 89 -14.94 40.09 -26.51
N GLU B 90 -15.68 40.01 -27.61
CA GLU B 90 -15.95 41.16 -28.45
C GLU B 90 -17.45 41.32 -28.49
N SER B 91 -17.94 42.47 -28.06
CA SER B 91 -19.38 42.72 -28.13
C SER B 91 -19.72 43.24 -29.52
N PHE B 92 -20.71 42.62 -30.15
CA PHE B 92 -21.20 43.16 -31.42
C PHE B 92 -22.49 43.94 -31.20
N GLY B 93 -23.58 43.22 -30.96
CA GLY B 93 -24.87 43.85 -30.76
C GLY B 93 -25.14 44.18 -29.30
N SER B 94 -26.41 44.09 -28.92
CA SER B 94 -26.81 44.33 -27.54
C SER B 94 -26.56 43.09 -26.67
N ASN B 95 -25.82 43.27 -25.60
CA ASN B 95 -25.61 42.20 -24.62
C ASN B 95 -25.13 40.90 -25.27
N SER B 96 -24.62 40.99 -26.49
CA SER B 96 -24.13 39.82 -27.19
C SER B 96 -22.63 39.93 -27.46
N TYR B 97 -21.94 38.80 -27.40
CA TYR B 97 -20.50 38.77 -27.62
C TYR B 97 -20.12 37.64 -28.55
N ILE B 98 -19.04 37.85 -29.30
CA ILE B 98 -18.42 36.77 -30.04
C ILE B 98 -17.05 36.48 -29.44
N VAL B 99 -16.63 35.22 -29.49
CA VAL B 99 -15.26 34.86 -29.15
C VAL B 99 -14.58 34.34 -30.41
N ARG B 100 -13.57 35.07 -30.86
CA ARG B 100 -12.98 34.82 -32.17
C ARG B 100 -11.67 34.05 -32.08
N CYS B 101 -11.14 33.95 -30.86
CA CYS B 101 -9.84 33.34 -30.65
C CYS B 101 -9.56 33.08 -29.17
N HIS B 102 -8.47 32.39 -28.89
CA HIS B 102 -8.11 32.01 -27.52
C HIS B 102 -6.65 31.61 -27.48
N PRO B 103 -6.07 31.49 -26.28
CA PRO B 103 -4.68 31.01 -26.19
C PRO B 103 -4.54 29.63 -26.83
N ALA B 104 -3.43 29.42 -27.53
CA ALA B 104 -3.15 28.12 -28.16
C ALA B 104 -3.13 26.98 -27.16
N TRP B 105 -2.82 27.29 -25.90
CA TRP B 105 -2.70 26.25 -24.87
C TRP B 105 -3.98 25.89 -24.12
N PHE B 106 -5.10 26.53 -24.44
CA PHE B 106 -6.38 26.08 -23.92
C PHE B 106 -6.55 24.58 -24.25
N PRO B 107 -7.19 23.82 -23.34
CA PRO B 107 -7.38 22.38 -23.56
C PRO B 107 -8.24 22.09 -24.80
N LYS B 108 -7.63 21.48 -25.81
CA LYS B 108 -8.28 21.31 -27.11
C LYS B 108 -9.64 20.60 -27.04
N GLY B 109 -10.61 21.15 -27.76
CA GLY B 109 -11.93 20.55 -27.84
C GLY B 109 -12.88 20.99 -26.74
N GLU B 110 -12.36 21.65 -25.71
CA GLU B 110 -13.20 22.11 -24.61
C GLU B 110 -13.10 23.62 -24.36
N GLU B 111 -12.57 24.35 -25.33
CA GLU B 111 -12.51 25.80 -25.27
C GLU B 111 -13.89 26.40 -25.01
N ALA B 112 -14.90 25.93 -25.74
CA ALA B 112 -16.26 26.46 -25.63
C ALA B 112 -16.80 26.39 -24.21
N GLU B 113 -16.69 25.22 -23.60
CA GLU B 113 -17.23 24.99 -22.26
C GLU B 113 -16.37 25.64 -21.19
N LEU B 114 -15.09 25.79 -21.49
CA LEU B 114 -14.16 26.44 -20.58
C LEU B 114 -14.45 27.93 -20.50
N ILE B 115 -14.47 28.57 -21.68
CA ILE B 115 -14.82 29.98 -21.76
C ILE B 115 -16.12 30.29 -21.03
N GLU B 116 -17.16 29.49 -21.29
CA GLU B 116 -18.47 29.77 -20.69
C GLU B 116 -18.44 29.51 -19.18
N GLU B 117 -17.68 28.51 -18.78
CA GLU B 117 -17.49 28.21 -17.36
C GLU B 117 -16.77 29.34 -16.62
N ILE B 118 -15.71 29.86 -17.23
CA ILE B 118 -14.99 31.00 -16.67
C ILE B 118 -15.91 32.23 -16.57
N ILE B 119 -16.58 32.54 -17.67
CA ILE B 119 -17.49 33.67 -17.70
C ILE B 119 -18.56 33.53 -16.62
N GLN B 120 -19.00 32.30 -16.38
CA GLN B 120 -20.02 32.04 -15.38
C GLN B 120 -19.48 32.28 -13.96
N GLN B 121 -18.20 31.98 -13.78
CA GLN B 121 -17.55 32.23 -12.49
C GLN B 121 -17.61 33.71 -12.14
N VAL B 122 -17.29 34.56 -13.13
CA VAL B 122 -17.33 36.00 -12.94
C VAL B 122 -18.75 36.50 -12.61
N LEU B 123 -19.74 35.96 -13.30
CA LEU B 123 -21.13 36.34 -13.05
C LEU B 123 -21.58 35.98 -11.63
N ASP B 124 -21.01 34.92 -11.08
CA ASP B 124 -21.36 34.45 -9.75
C ASP B 124 -20.64 35.22 -8.64
N SER B 125 -19.35 35.47 -8.82
CA SER B 125 -18.58 36.24 -7.85
C SER B 125 -18.99 37.70 -7.88
N LYS B 126 -19.54 38.14 -9.03
CA LYS B 126 -19.99 39.50 -9.25
C LYS B 126 -18.84 40.51 -9.23
N ASN B 127 -17.98 40.41 -8.23
CA ASN B 127 -16.78 41.23 -8.16
C ASN B 127 -15.61 40.33 -7.79
N ILE B 128 -14.70 40.12 -8.75
CA ILE B 128 -13.57 39.22 -8.56
C ILE B 128 -12.30 39.85 -9.15
N ASP B 129 -11.14 39.68 -8.50
CA ASP B 129 -9.89 40.23 -9.04
C ASP B 129 -9.11 39.20 -9.86
N ILE B 130 -8.02 39.64 -10.47
CA ILE B 130 -7.28 38.82 -11.43
C ILE B 130 -6.65 37.57 -10.80
N LYS B 131 -5.97 37.75 -9.66
CA LYS B 131 -5.31 36.63 -8.99
C LYS B 131 -6.28 35.50 -8.67
N LYS B 132 -7.43 35.83 -8.12
CA LYS B 132 -8.43 34.82 -7.79
C LYS B 132 -9.00 34.16 -9.05
N LEU B 133 -9.25 34.96 -10.08
CA LEU B 133 -9.79 34.39 -11.32
C LEU B 133 -8.76 33.44 -11.97
N ARG B 134 -7.49 33.84 -11.97
CA ARG B 134 -6.43 33.00 -12.53
C ARG B 134 -6.39 31.63 -11.86
N GLU B 135 -6.49 31.63 -10.54
CA GLU B 135 -6.58 30.39 -9.77
C GLU B 135 -7.76 29.54 -10.26
N GLU B 136 -8.94 30.16 -10.28
CA GLU B 136 -10.17 29.47 -10.67
C GLU B 136 -10.09 28.93 -12.09
N ALA B 137 -9.59 29.74 -13.02
CA ALA B 137 -9.45 29.32 -14.41
C ALA B 137 -8.52 28.12 -14.55
N ALA B 138 -7.41 28.13 -13.81
CA ALA B 138 -6.42 27.05 -13.91
C ALA B 138 -6.96 25.78 -13.28
N ILE B 139 -7.75 25.91 -12.22
CA ILE B 139 -8.43 24.77 -11.64
C ILE B 139 -9.37 24.14 -12.68
N MET B 140 -10.15 24.96 -13.36
CA MET B 140 -11.05 24.51 -14.40
C MET B 140 -10.31 23.82 -15.55
N MET B 141 -9.16 24.39 -15.91
CA MET B 141 -8.37 23.87 -17.01
C MET B 141 -7.74 22.54 -16.67
N SER B 142 -7.51 22.32 -15.38
CA SER B 142 -6.78 21.15 -14.95
C SER B 142 -7.66 19.91 -14.98
N CYS B 143 -8.98 20.13 -14.93
N CYS B 143 -8.98 20.11 -14.86
CA CYS B 143 -9.95 19.05 -14.88
CA CYS B 143 -9.90 18.98 -14.90
C CYS B 143 -10.52 18.73 -16.26
C CYS B 143 -10.61 18.87 -16.24
N LYS B 144 -9.92 19.31 -17.30
CA LYS B 144 -10.38 19.08 -18.67
C LYS B 144 -9.52 18.00 -19.30
N ARG B 151 -7.61 1.78 -19.08
CA ARG B 151 -6.49 0.84 -19.19
C ARG B 151 -5.41 1.12 -18.14
N HIS B 152 -4.63 0.09 -17.82
CA HIS B 152 -3.54 0.23 -16.85
C HIS B 152 -2.38 1.04 -17.39
N LEU B 153 -1.68 1.75 -16.51
CA LEU B 153 -0.50 2.51 -16.91
C LEU B 153 0.70 1.60 -17.16
N ARG B 154 1.52 1.95 -18.15
CA ARG B 154 2.77 1.27 -18.38
C ARG B 154 3.76 1.74 -17.33
N ASN B 155 4.80 0.96 -17.09
CA ASN B 155 5.78 1.32 -16.07
C ASN B 155 6.47 2.65 -16.34
N ASP B 156 6.68 2.96 -17.61
CA ASP B 156 7.25 4.25 -18.00
C ASP B 156 6.26 5.38 -17.68
N GLU B 157 4.97 5.11 -17.84
CA GLU B 157 3.95 6.09 -17.53
C GLU B 157 3.84 6.33 -16.02
N ILE B 158 3.96 5.26 -15.24
CA ILE B 158 3.95 5.39 -13.78
C ILE B 158 5.12 6.24 -13.30
N LYS B 159 6.26 6.08 -13.95
CA LYS B 159 7.48 6.76 -13.55
C LYS B 159 7.43 8.25 -13.85
N ALA B 160 7.04 8.59 -15.08
CA ALA B 160 6.87 10.00 -15.44
C ALA B 160 5.89 10.67 -14.48
N LEU B 161 4.82 9.95 -14.14
CA LEU B 161 3.79 10.50 -13.26
C LEU B 161 4.34 10.79 -11.86
N LEU B 162 5.07 9.84 -11.30
CA LEU B 162 5.65 10.03 -9.98
C LEU B 162 6.66 11.17 -9.98
N ASP B 163 7.47 11.24 -11.05
CA ASP B 163 8.44 12.31 -11.20
C ASP B 163 7.79 13.69 -11.37
N ASP B 164 6.79 13.79 -12.23
CA ASP B 164 6.09 15.06 -12.43
C ASP B 164 5.35 15.52 -11.18
N LEU B 165 4.75 14.58 -10.46
CA LEU B 165 3.98 14.91 -9.27
C LEU B 165 4.89 15.49 -8.20
N ARG B 166 6.03 14.82 -8.02
CA ARG B 166 7.01 15.16 -7.01
C ARG B 166 7.52 16.59 -7.16
N SER B 167 7.59 17.06 -8.40
CA SER B 167 8.09 18.40 -8.66
C SER B 167 6.97 19.42 -8.91
N THR B 168 5.87 19.29 -8.17
CA THR B 168 4.83 20.32 -8.18
C THR B 168 4.85 21.07 -6.85
N SER B 169 3.97 22.05 -6.70
CA SER B 169 3.92 22.85 -5.48
C SER B 169 3.34 22.09 -4.30
N ASP B 170 2.32 21.27 -4.57
CA ASP B 170 1.74 20.41 -3.53
C ASP B 170 1.43 19.03 -4.08
N PRO B 171 2.37 18.10 -3.93
CA PRO B 171 2.24 16.72 -4.40
C PRO B 171 1.18 15.92 -3.64
N PHE B 172 0.69 16.43 -2.52
CA PHE B 172 -0.22 15.67 -1.67
C PHE B 172 -1.71 15.94 -1.91
N THR B 173 -2.03 17.09 -2.48
CA THR B 173 -3.41 17.56 -2.51
C THR B 173 -3.78 18.16 -3.87
N CYS B 174 -4.91 17.72 -4.43
CA CYS B 174 -5.34 18.20 -5.74
C CYS B 174 -5.83 19.64 -5.65
N PRO B 175 -6.01 20.30 -6.80
CA PRO B 175 -6.40 21.71 -6.80
C PRO B 175 -7.77 21.91 -6.14
N HIS B 176 -8.56 20.84 -6.05
CA HIS B 176 -9.86 20.91 -5.40
C HIS B 176 -9.77 20.61 -3.91
N GLY B 177 -8.55 20.39 -3.43
CA GLY B 177 -8.30 20.16 -2.01
C GLY B 177 -8.38 18.72 -1.53
N ARG B 178 -8.51 17.78 -2.46
CA ARG B 178 -8.57 16.36 -2.10
C ARG B 178 -7.20 15.68 -2.10
N PRO B 179 -7.05 14.59 -1.32
CA PRO B 179 -5.79 13.85 -1.26
C PRO B 179 -5.35 13.27 -2.61
N ILE B 180 -4.10 13.53 -2.97
CA ILE B 180 -3.45 12.83 -4.06
C ILE B 180 -2.74 11.60 -3.51
N ILE B 181 -2.13 11.76 -2.35
CA ILE B 181 -1.30 10.73 -1.75
C ILE B 181 -1.77 10.36 -0.35
N ILE B 182 -1.96 9.06 -0.12
CA ILE B 182 -2.06 8.53 1.23
C ILE B 182 -0.71 7.89 1.54
N HIS B 183 -0.04 8.42 2.56
CA HIS B 183 1.28 7.96 2.94
C HIS B 183 1.24 7.20 4.26
N HIS B 184 1.72 5.97 4.27
CA HIS B 184 1.95 5.25 5.52
C HIS B 184 3.44 5.25 5.80
N SER B 185 3.86 6.06 6.78
CA SER B 185 5.28 6.17 7.10
C SER B 185 5.82 4.88 7.68
N THR B 186 7.14 4.75 7.68
CA THR B 186 7.78 3.59 8.29
C THR B 186 7.26 3.43 9.72
N TYR B 187 7.19 4.55 10.44
CA TYR B 187 6.74 4.56 11.81
C TYR B 187 5.30 4.01 11.93
N GLU B 188 4.41 4.55 11.11
CA GLU B 188 3.00 4.16 11.10
C GLU B 188 2.81 2.69 10.78
N MET B 189 3.57 2.19 9.81
CA MET B 189 3.46 0.77 9.46
C MET B 189 3.95 -0.11 10.61
N GLU B 190 5.05 0.28 11.24
CA GLU B 190 5.53 -0.42 12.43
C GLU B 190 4.44 -0.50 13.49
N LYS B 191 3.70 0.60 13.66
CA LYS B 191 2.61 0.63 14.64
C LYS B 191 1.44 -0.23 14.16
N MET B 192 1.05 -0.03 12.91
CA MET B 192 -0.02 -0.82 12.30
C MET B 192 0.15 -2.30 12.63
N PHE B 193 1.39 -2.79 12.53
CA PHE B 193 1.66 -4.23 12.60
C PHE B 193 2.15 -4.76 13.95
N LYS B 194 2.41 -3.87 14.90
CA LYS B 194 2.84 -4.32 16.22
C LYS B 194 1.79 -4.06 17.30
#